data_3OHA
#
_entry.id   3OHA
#
_cell.length_a   88.039
_cell.length_b   227.635
_cell.length_c   86.077
_cell.angle_alpha   90.00
_cell.angle_beta   90.00
_cell.angle_gamma   90.00
#
_symmetry.space_group_name_H-M   'C 2 2 21'
#
loop_
_entity.id
_entity.type
_entity.pdbx_description
1 polymer 'DNA polymerase eta'
2 polymer "5'-D(*GP*TP*CP*CP*TP*CP*CP*CP*CP*TP*(DOC))-3'"
3 polymer "5'-D(P*TP*(8OG)P*GP*AP*GP*GP*GP*GP*AP*GP*GP*AP*C)-3'"
4 non-polymer "2'-DEOXYCYTIDINE-5'-TRIPHOSPHATE"
5 non-polymer 'SULFATE ION'
6 non-polymer 'MAGNESIUM ION'
7 water water
#
loop_
_entity_poly.entity_id
_entity_poly.type
_entity_poly.pdbx_seq_one_letter_code
_entity_poly.pdbx_strand_id
1 'polypeptide(L)'
;GPGGDPHMSKFTWKELIQLGSPSKAYESSLACIAHIDMNAFFAQVEQMRCGLSKEDPVVCVQWNSIIAVSYAARKYGISR
MDTIQEALKKCSNLIPIHTAVFKKGEDFWQYHDGCGSWVQDPAKQISVEDHKVSLEPYRRESRKALAIFKWACDLVERAS
IDEVFLDLGRICFNMLMFDNEYELTGDLKLKDALSNIREAFIGGNYDINSHLPLIPEKIKSLKFEGDVFNPEGRDLITDW
DDVILALGSQVCKGIRDSIKDILGYTTSCGLSSTKNVCKLASNYKKPDAQTIVKNDCLLDFLDCGKFEITSFWTLGGVLG
KELIDVLDLPHENSIKHIRETWPDNAGQLKEFLDAKVKQSDYDRSTSNIDPLKTADLAEKLFKLSRGRYGLPLSSRPVVK
SMMSNKNLRGKSCNSIVDCISWLEVFCAELTSRIQDLEQEYNKIVIPRTVSISLKTKSYEVYRKSGPVAYKGINFQSHEL
LKVGIKFVTDLDIKGKNKSYYPLTKLSMTITNFDIIDLQK
;
A
2 'polydeoxyribonucleotide' (DG)(DT)(DC)(DC)(DT)(DC)(DC)(DC)(DC)(DT)(DOC) P
3 'polydeoxyribonucleotide' (DT)(8OG)(DG)(DA)(DG)(DG)(DG)(DG)(DA)(DG)(DG)(DA)(DC) T
#
# COMPACT_ATOMS: atom_id res chain seq x y z
N GLY A 4 -39.50 9.40 -13.98
CA GLY A 4 -38.19 9.26 -14.78
C GLY A 4 -37.06 10.28 -14.52
N ASP A 5 -35.84 9.91 -14.93
CA ASP A 5 -34.54 10.65 -14.68
C ASP A 5 -34.23 11.36 -13.31
N PRO A 6 -34.51 12.70 -13.17
CA PRO A 6 -34.23 13.28 -11.82
C PRO A 6 -35.31 12.84 -10.79
N HIS A 7 -36.34 12.15 -11.27
CA HIS A 7 -37.30 11.50 -10.40
C HIS A 7 -36.82 10.13 -9.91
N MET A 8 -35.61 9.70 -10.34
N MET A 8 -35.52 9.84 -10.14
CA MET A 8 -35.04 8.42 -9.96
CA MET A 8 -34.97 8.54 -9.92
C MET A 8 -33.58 8.61 -9.53
C MET A 8 -33.53 8.66 -9.47
N SER A 9 -33.04 7.58 -8.89
CA SER A 9 -31.67 7.53 -8.49
C SER A 9 -30.75 7.68 -9.73
N LYS A 10 -29.53 8.10 -9.50
CA LYS A 10 -28.52 8.14 -10.55
C LYS A 10 -28.03 6.73 -10.92
N PHE A 11 -28.35 5.73 -10.09
CA PHE A 11 -27.73 4.39 -10.18
C PHE A 11 -28.74 3.36 -10.66
N THR A 12 -28.25 2.26 -11.21
CA THR A 12 -29.07 1.21 -11.76
C THR A 12 -29.01 -0.07 -10.92
N TRP A 13 -29.99 -0.94 -11.13
CA TRP A 13 -29.95 -2.28 -10.59
C TRP A 13 -28.65 -2.98 -10.90
N LYS A 14 -28.18 -2.89 -12.14
CA LYS A 14 -26.91 -3.51 -12.54
C LYS A 14 -25.75 -3.11 -11.62
N GLU A 15 -25.61 -1.81 -11.38
CA GLU A 15 -24.56 -1.28 -10.52
C GLU A 15 -24.64 -1.78 -9.09
N LEU A 16 -25.85 -1.90 -8.57
CA LEU A 16 -26.06 -2.44 -7.23
C LEU A 16 -25.75 -3.95 -7.15
N ILE A 17 -26.31 -4.70 -8.06
CA ILE A 17 -26.13 -6.14 -8.07
C ILE A 17 -24.66 -6.48 -8.28
N GLN A 18 -23.94 -5.65 -9.04
N GLN A 18 -23.94 -5.66 -9.03
CA GLN A 18 -22.50 -5.86 -9.28
CA GLN A 18 -22.54 -5.91 -9.33
C GLN A 18 -21.66 -5.91 -8.01
C GLN A 18 -21.64 -5.83 -8.07
N LEU A 19 -22.13 -5.25 -6.96
CA LEU A 19 -21.39 -5.23 -5.70
C LEU A 19 -21.19 -6.66 -5.14
N GLY A 20 -22.08 -7.58 -5.52
CA GLY A 20 -21.99 -8.99 -5.14
C GLY A 20 -21.02 -9.79 -5.99
N SER A 21 -20.39 -9.18 -6.99
CA SER A 21 -19.40 -9.88 -7.78
C SER A 21 -17.99 -9.41 -7.44
N PRO A 22 -17.17 -10.30 -6.88
CA PRO A 22 -15.79 -9.89 -6.60
C PRO A 22 -15.06 -9.43 -7.87
N SER A 23 -15.31 -10.04 -9.02
CA SER A 23 -14.58 -9.63 -10.21
C SER A 23 -15.04 -8.26 -10.75
N LYS A 24 -16.29 -7.86 -10.51
CA LYS A 24 -16.78 -6.62 -11.12
C LYS A 24 -17.18 -5.50 -10.15
N ALA A 25 -17.21 -5.74 -8.84
CA ALA A 25 -17.73 -4.75 -7.90
C ALA A 25 -16.97 -3.44 -7.97
N TYR A 26 -15.68 -3.49 -8.27
CA TYR A 26 -14.87 -2.28 -8.28
C TYR A 26 -15.25 -1.29 -9.42
N GLU A 27 -15.93 -1.76 -10.46
N GLU A 27 -15.93 -1.81 -10.44
CA GLU A 27 -16.20 -0.90 -11.62
CA GLU A 27 -16.28 -1.06 -11.64
C GLU A 27 -17.55 -0.22 -11.49
C GLU A 27 -17.42 -0.11 -11.35
N SER A 28 -18.27 -0.54 -10.43
CA SER A 28 -19.52 0.11 -10.14
C SER A 28 -19.28 1.49 -9.53
N SER A 29 -20.09 2.44 -9.96
CA SER A 29 -20.11 3.73 -9.31
C SER A 29 -20.62 3.67 -7.84
N LEU A 30 -21.27 2.57 -7.46
CA LEU A 30 -21.60 2.28 -6.06
C LEU A 30 -20.50 1.53 -5.27
N ALA A 31 -19.32 1.29 -5.85
CA ALA A 31 -18.27 0.53 -5.13
C ALA A 31 -17.98 1.13 -3.79
N CYS A 32 -17.59 0.29 -2.84
CA CYS A 32 -17.21 0.73 -1.51
C CYS A 32 -15.87 0.06 -1.22
N ILE A 33 -14.82 0.88 -1.33
CA ILE A 33 -13.44 0.45 -1.16
C ILE A 33 -12.94 1.11 0.14
N ALA A 34 -12.09 0.37 0.88
CA ALA A 34 -11.37 0.92 2.02
C ALA A 34 -9.87 0.76 1.79
N HIS A 35 -9.11 1.77 2.17
CA HIS A 35 -7.65 1.67 2.29
C HIS A 35 -7.33 1.84 3.76
N ILE A 36 -6.60 0.88 4.32
CA ILE A 36 -6.31 0.84 5.75
C ILE A 36 -4.81 0.83 5.91
N ASP A 37 -4.31 1.81 6.66
CA ASP A 37 -2.89 2.00 6.82
C ASP A 37 -2.54 2.06 8.32
N MET A 38 -1.68 1.14 8.76
CA MET A 38 -1.20 1.11 10.16
C MET A 38 -0.53 2.42 10.53
N ASN A 39 -0.89 2.98 11.66
CA ASN A 39 -0.29 4.22 12.13
C ASN A 39 1.15 3.87 12.63
N ALA A 40 2.13 4.66 12.20
CA ALA A 40 3.50 4.58 12.72
C ALA A 40 3.97 3.13 12.85
N PHE A 41 3.88 2.38 11.77
CA PHE A 41 3.80 0.93 11.90
C PHE A 41 4.97 0.33 12.67
N PHE A 42 6.20 0.59 12.23
CA PHE A 42 7.36 -0.08 12.85
C PHE A 42 7.48 0.34 14.32
N ALA A 43 7.14 1.60 14.62
CA ALA A 43 7.14 2.09 16.00
C ALA A 43 6.09 1.40 16.86
N GLN A 44 4.89 1.17 16.32
CA GLN A 44 3.86 0.35 17.02
C GLN A 44 4.29 -1.08 17.24
N VAL A 45 4.94 -1.70 16.24
CA VAL A 45 5.45 -3.05 16.43
C VAL A 45 6.43 -3.11 17.62
N GLU A 46 7.35 -2.15 17.69
CA GLU A 46 8.35 -2.13 18.78
C GLU A 46 7.69 -1.84 20.13
N GLN A 47 6.73 -0.91 20.13
CA GLN A 47 5.90 -0.61 21.30
C GLN A 47 5.26 -1.87 21.87
N MET A 48 4.60 -2.64 21.00
CA MET A 48 3.91 -3.86 21.42
C MET A 48 4.90 -4.92 21.87
N ARG A 49 6.03 -5.05 21.18
CA ARG A 49 7.04 -6.03 21.54
C ARG A 49 7.59 -5.75 22.93
N CYS A 50 7.83 -4.47 23.21
CA CYS A 50 8.43 -4.07 24.48
C CYS A 50 7.40 -3.78 25.59
N GLY A 51 6.12 -4.03 25.34
CA GLY A 51 5.11 -3.83 26.38
C GLY A 51 4.91 -2.37 26.76
N LEU A 52 5.10 -1.47 25.80
CA LEU A 52 5.00 -0.04 26.05
C LEU A 52 3.61 0.43 25.68
N SER A 53 3.26 1.65 26.07
CA SER A 53 1.92 2.19 25.79
C SER A 53 1.94 3.18 24.66
N LYS A 54 0.74 3.55 24.19
CA LYS A 54 0.61 4.59 23.17
C LYS A 54 1.11 5.96 23.63
N GLU A 55 1.32 6.16 24.93
CA GLU A 55 1.86 7.43 25.43
C GLU A 55 3.38 7.49 25.50
N ASP A 56 4.04 6.34 25.29
CA ASP A 56 5.50 6.28 25.28
C ASP A 56 6.07 6.73 23.93
N PRO A 57 7.04 7.68 23.95
CA PRO A 57 7.55 8.26 22.70
C PRO A 57 8.62 7.35 22.09
N VAL A 58 8.16 6.33 21.40
CA VAL A 58 9.02 5.37 20.77
C VAL A 58 9.41 5.85 19.37
N VAL A 59 10.64 5.59 18.98
CA VAL A 59 11.04 5.71 17.59
C VAL A 59 11.80 4.44 17.19
N CYS A 60 11.57 3.98 15.96
CA CYS A 60 12.29 2.84 15.42
C CYS A 60 13.47 3.38 14.69
N VAL A 61 14.65 2.84 14.98
CA VAL A 61 15.89 3.39 14.45
C VAL A 61 16.61 2.35 13.59
N GLN A 62 17.12 2.80 12.44
CA GLN A 62 17.90 1.98 11.54
C GLN A 62 19.23 2.67 11.29
N TRP A 63 20.28 2.14 11.90
CA TRP A 63 21.63 2.75 11.90
C TRP A 63 21.49 4.08 12.68
N ASN A 64 21.66 5.23 12.05
CA ASN A 64 21.41 6.50 12.72
C ASN A 64 20.13 7.23 12.28
N SER A 65 19.28 6.58 11.48
CA SER A 65 18.05 7.23 10.99
C SER A 65 16.82 6.74 11.71
N ILE A 66 15.90 7.66 12.02
CA ILE A 66 14.59 7.26 12.51
C ILE A 66 13.76 6.90 11.29
N ILE A 67 13.27 5.69 11.27
CA ILE A 67 12.48 5.24 10.14
C ILE A 67 11.01 5.09 10.49
N ALA A 68 10.64 5.18 11.77
CA ALA A 68 9.24 5.30 12.17
C ALA A 68 9.15 6.05 13.49
N VAL A 69 8.17 6.92 13.57
CA VAL A 69 7.96 7.80 14.71
C VAL A 69 6.55 7.59 15.28
N SER A 70 6.47 7.10 16.54
CA SER A 70 5.20 6.95 17.24
C SER A 70 4.47 8.26 17.29
N TYR A 71 3.13 8.22 17.38
CA TYR A 71 2.37 9.49 17.52
C TYR A 71 2.73 10.27 18.80
N ALA A 72 3.10 9.53 19.86
CA ALA A 72 3.59 10.17 21.08
C ALA A 72 4.85 11.00 20.81
N ALA A 73 5.80 10.44 20.06
CA ALA A 73 7.03 11.18 19.74
C ALA A 73 6.80 12.35 18.77
N ARG A 74 5.79 12.21 17.90
CA ARG A 74 5.45 13.30 16.99
C ARG A 74 5.05 14.58 17.70
N LYS A 75 4.48 14.46 18.90
CA LYS A 75 4.08 15.63 19.71
C LYS A 75 5.24 16.53 20.08
N TYR A 76 6.45 15.96 20.00
CA TYR A 76 7.69 16.69 20.23
C TYR A 76 8.32 17.23 18.95
N GLY A 77 7.68 17.02 17.80
CA GLY A 77 8.19 17.56 16.56
C GLY A 77 9.15 16.64 15.80
N ILE A 78 9.24 15.37 16.22
CA ILE A 78 10.11 14.40 15.59
C ILE A 78 9.49 13.89 14.28
N SER A 79 10.33 13.80 13.23
CA SER A 79 9.91 13.36 11.91
C SER A 79 10.73 12.17 11.40
N ARG A 80 10.10 11.36 10.55
CA ARG A 80 10.82 10.29 9.86
C ARG A 80 12.03 10.89 9.21
N MET A 81 13.11 10.15 9.24
CA MET A 81 14.38 10.55 8.68
C MET A 81 15.10 11.67 9.43
N ASP A 82 14.55 12.11 10.56
CA ASP A 82 15.40 12.76 11.57
C ASP A 82 16.54 11.77 11.89
N THR A 83 17.66 12.31 12.33
CA THR A 83 18.72 11.47 12.89
C THR A 83 18.40 11.27 14.37
N ILE A 84 18.94 10.21 14.94
CA ILE A 84 18.66 9.94 16.34
C ILE A 84 19.15 11.08 17.25
N GLN A 85 20.29 11.66 16.91
CA GLN A 85 20.79 12.82 17.68
C GLN A 85 19.85 14.03 17.62
N GLU A 86 19.36 14.33 16.43
CA GLU A 86 18.37 15.40 16.27
C GLU A 86 17.10 15.11 17.10
N ALA A 87 16.66 13.85 17.11
CA ALA A 87 15.47 13.47 17.87
C ALA A 87 15.66 13.60 19.39
N LEU A 88 16.85 13.26 19.87
CA LEU A 88 17.13 13.34 21.31
C LEU A 88 17.09 14.78 21.81
N LYS A 89 17.44 15.73 20.95
CA LYS A 89 17.34 17.15 21.27
C LYS A 89 15.89 17.67 21.36
N LYS A 90 14.93 16.93 20.80
CA LYS A 90 13.52 17.35 20.80
C LYS A 90 12.70 16.70 21.94
N CYS A 91 13.19 15.59 22.48
CA CYS A 91 12.45 14.81 23.47
C CYS A 91 13.39 14.11 24.45
N SER A 92 13.46 14.64 25.67
CA SER A 92 14.38 14.10 26.68
C SER A 92 14.05 12.67 27.11
N ASN A 93 12.76 12.32 27.00
N ASN A 93 12.81 12.21 27.11
CA ASN A 93 12.20 11.02 27.37
CA ASN A 93 12.57 10.80 27.46
C ASN A 93 12.09 10.01 26.20
C ASN A 93 12.18 9.96 26.25
N LEU A 94 12.83 10.23 25.12
CA LEU A 94 12.69 9.43 23.91
C LEU A 94 13.10 7.99 24.16
N ILE A 95 12.38 7.06 23.55
CA ILE A 95 12.68 5.64 23.62
C ILE A 95 13.06 5.13 22.20
N PRO A 96 14.34 5.30 21.82
CA PRO A 96 14.79 4.77 20.53
C PRO A 96 15.02 3.27 20.60
N ILE A 97 14.51 2.54 19.60
CA ILE A 97 14.64 1.11 19.53
C ILE A 97 15.16 0.72 18.16
N HIS A 98 16.35 0.11 18.13
CA HIS A 98 16.94 -0.32 16.89
C HIS A 98 16.24 -1.54 16.32
N THR A 99 16.17 -1.61 14.98
CA THR A 99 15.67 -2.78 14.30
C THR A 99 16.49 -3.96 14.79
N ALA A 100 15.89 -5.15 14.70
CA ALA A 100 16.64 -6.38 14.86
C ALA A 100 17.74 -6.43 13.80
N VAL A 101 18.77 -7.24 14.06
CA VAL A 101 19.90 -7.36 13.13
C VAL A 101 20.50 -8.76 13.09
N PHE A 102 21.12 -9.07 11.96
CA PHE A 102 22.02 -10.23 11.81
C PHE A 102 23.46 -9.73 12.00
N LYS A 103 24.28 -10.53 12.64
CA LYS A 103 25.72 -10.26 12.68
C LYS A 103 26.43 -11.05 11.62
N LYS A 104 27.32 -10.39 10.89
CA LYS A 104 28.10 -11.02 9.86
C LYS A 104 28.80 -12.20 10.51
N GLY A 105 28.72 -13.36 9.85
CA GLY A 105 29.27 -14.59 10.41
C GLY A 105 28.27 -15.44 11.19
N GLU A 106 27.08 -14.93 11.45
CA GLU A 106 26.04 -15.68 12.14
C GLU A 106 24.88 -15.88 11.16
N ASP A 107 23.94 -16.76 11.51
CA ASP A 107 22.90 -17.14 10.57
C ASP A 107 21.47 -16.98 11.13
N PHE A 108 21.34 -16.12 12.13
CA PHE A 108 20.08 -15.82 12.76
C PHE A 108 20.10 -14.33 13.05
N TRP A 109 18.91 -13.75 13.20
CA TRP A 109 18.77 -12.38 13.61
C TRP A 109 18.31 -12.31 15.06
N GLN A 110 18.55 -11.18 15.69
CA GLN A 110 18.01 -10.90 17.02
C GLN A 110 18.01 -9.40 17.32
N TYR A 111 17.27 -9.03 18.36
CA TYR A 111 17.26 -7.66 18.84
C TYR A 111 18.40 -7.54 19.84
N HIS A 112 19.07 -6.39 19.81
CA HIS A 112 20.01 -6.01 20.84
C HIS A 112 19.42 -4.80 21.53
N ASP A 113 18.50 -5.04 22.45
N ASP A 113 18.55 -5.10 22.50
CA ASP A 113 17.85 -3.92 23.12
CA ASP A 113 17.91 -4.13 23.38
C ASP A 113 18.84 -3.31 24.13
C ASP A 113 18.98 -3.31 24.09
N GLY A 114 18.74 -2.01 24.29
CA GLY A 114 19.70 -1.20 25.02
C GLY A 114 20.92 -0.84 24.19
N CYS A 115 20.93 -1.20 22.90
CA CYS A 115 22.11 -0.98 22.05
C CYS A 115 21.80 -0.04 20.88
N GLY A 116 22.82 0.71 20.47
CA GLY A 116 22.72 1.64 19.34
C GLY A 116 23.70 2.79 19.44
N SER A 117 23.72 3.62 18.39
CA SER A 117 24.71 4.70 18.29
C SER A 117 24.53 5.78 19.37
N TRP A 118 23.30 5.92 19.87
CA TRP A 118 23.01 6.87 20.94
C TRP A 118 23.53 6.42 22.31
N VAL A 119 23.90 5.14 22.45
CA VAL A 119 24.35 4.62 23.75
C VAL A 119 25.85 4.90 23.95
N GLN A 120 26.22 5.40 25.12
CA GLN A 120 27.62 5.79 25.39
C GLN A 120 28.53 4.56 25.38
N ASP A 121 28.14 3.54 26.14
CA ASP A 121 28.95 2.31 26.27
C ASP A 121 29.40 1.76 24.91
N PRO A 122 30.74 1.67 24.67
CA PRO A 122 31.25 1.04 23.44
C PRO A 122 30.97 -0.47 23.31
N ALA A 123 30.61 -1.13 24.42
CA ALA A 123 30.18 -2.54 24.38
C ALA A 123 28.73 -2.70 23.90
N LYS A 124 28.00 -1.60 23.73
CA LYS A 124 26.58 -1.67 23.34
C LYS A 124 26.30 -0.90 22.03
N GLN A 125 27.19 -1.09 21.06
CA GLN A 125 27.03 -0.52 19.74
C GLN A 125 26.47 -1.60 18.80
N ILE A 126 25.77 -1.16 17.75
CA ILE A 126 25.38 -2.02 16.66
C ILE A 126 26.04 -1.45 15.42
N SER A 127 27.25 -1.92 15.17
CA SER A 127 28.10 -1.43 14.10
C SER A 127 27.52 -1.70 12.71
N VAL A 128 27.48 -0.67 11.88
CA VAL A 128 27.11 -0.80 10.46
C VAL A 128 28.09 -1.63 9.64
N GLU A 129 29.33 -1.78 10.13
CA GLU A 129 30.33 -2.58 9.44
C GLU A 129 30.02 -4.07 9.53
N ASP A 130 29.36 -4.46 10.61
CA ASP A 130 29.34 -5.84 11.04
C ASP A 130 27.93 -6.47 11.09
N HIS A 131 26.91 -5.70 10.77
CA HIS A 131 25.54 -6.17 10.88
C HIS A 131 24.76 -5.86 9.62
N LYS A 132 23.69 -6.62 9.40
CA LYS A 132 22.60 -6.21 8.49
C LYS A 132 21.25 -6.22 9.21
N VAL A 133 20.31 -5.43 8.70
CA VAL A 133 18.97 -5.29 9.28
C VAL A 133 18.11 -6.54 9.02
N SER A 134 17.31 -6.93 10.02
CA SER A 134 16.16 -7.79 9.81
C SER A 134 14.86 -6.99 9.98
N LEU A 135 14.05 -6.93 8.92
CA LEU A 135 12.70 -6.40 8.98
C LEU A 135 11.67 -7.49 9.29
N GLU A 136 12.13 -8.69 9.65
CA GLU A 136 11.22 -9.79 9.87
C GLU A 136 10.17 -9.56 10.95
N PRO A 137 10.53 -8.91 12.07
CA PRO A 137 9.45 -8.63 13.03
C PRO A 137 8.27 -7.83 12.45
N TYR A 138 8.54 -6.93 11.53
CA TYR A 138 7.49 -6.10 10.93
C TYR A 138 6.72 -6.94 9.90
N ARG A 139 7.44 -7.75 9.14
CA ARG A 139 6.79 -8.66 8.18
C ARG A 139 5.87 -9.64 8.90
N ARG A 140 6.31 -10.19 10.02
CA ARG A 140 5.49 -11.15 10.77
C ARG A 140 4.18 -10.53 11.22
N GLU A 141 4.26 -9.34 11.79
CA GLU A 141 3.08 -8.62 12.22
C GLU A 141 2.19 -8.21 11.04
N SER A 142 2.80 -7.85 9.92
CA SER A 142 2.02 -7.58 8.72
C SER A 142 1.18 -8.77 8.26
N ARG A 143 1.75 -9.97 8.31
CA ARG A 143 1.03 -11.18 7.93
C ARG A 143 -0.09 -11.55 8.90
N LYS A 144 0.10 -11.30 10.19
CA LYS A 144 -0.96 -11.49 11.16
C LYS A 144 -2.17 -10.56 10.90
N ALA A 145 -1.86 -9.31 10.57
CA ALA A 145 -2.89 -8.35 10.21
C ALA A 145 -3.61 -8.83 8.94
N LEU A 146 -2.86 -9.26 7.96
CA LEU A 146 -3.44 -9.75 6.70
C LEU A 146 -4.43 -10.88 6.96
N ALA A 147 -4.07 -11.80 7.85
CA ALA A 147 -4.95 -12.90 8.22
C ALA A 147 -6.29 -12.40 8.79
N ILE A 148 -6.23 -11.33 9.57
CA ILE A 148 -7.44 -10.76 10.17
C ILE A 148 -8.26 -10.06 9.11
N PHE A 149 -7.61 -9.30 8.24
CA PHE A 149 -8.36 -8.65 7.15
C PHE A 149 -9.06 -9.67 6.23
N LYS A 150 -8.35 -10.74 5.88
CA LYS A 150 -8.92 -11.74 4.99
C LYS A 150 -10.03 -12.57 5.65
N TRP A 151 -9.97 -12.71 6.99
CA TRP A 151 -11.04 -13.35 7.73
C TRP A 151 -12.31 -12.49 7.67
N ALA A 152 -12.15 -11.18 7.66
CA ALA A 152 -13.27 -10.25 7.67
C ALA A 152 -13.86 -9.93 6.27
N CYS A 153 -13.09 -10.10 5.20
CA CYS A 153 -13.40 -9.56 3.88
C CYS A 153 -12.89 -10.52 2.80
N ASP A 154 -13.70 -10.77 1.79
CA ASP A 154 -13.37 -11.79 0.74
C ASP A 154 -12.44 -11.28 -0.33
N LEU A 155 -12.08 -9.99 -0.30
CA LEU A 155 -11.14 -9.48 -1.29
C LEU A 155 -10.26 -8.39 -0.71
N VAL A 156 -9.02 -8.78 -0.41
CA VAL A 156 -8.08 -7.94 0.27
C VAL A 156 -6.80 -7.89 -0.57
N GLU A 157 -6.30 -6.69 -0.85
CA GLU A 157 -5.00 -6.50 -1.54
C GLU A 157 -3.99 -5.94 -0.55
N ARG A 158 -2.92 -6.69 -0.34
CA ARG A 158 -1.78 -6.21 0.42
C ARG A 158 -0.99 -5.27 -0.50
N ALA A 159 -1.04 -3.97 -0.24
CA ALA A 159 -0.46 -2.95 -1.11
C ALA A 159 0.97 -2.58 -0.71
N SER A 160 1.32 -2.73 0.56
CA SER A 160 2.72 -2.63 1.03
C SER A 160 2.77 -3.19 2.44
N ILE A 161 3.92 -3.12 3.12
CA ILE A 161 4.04 -3.82 4.39
C ILE A 161 2.95 -3.39 5.41
N ASP A 162 2.43 -2.17 5.32
CA ASP A 162 1.44 -1.75 6.31
C ASP A 162 0.13 -1.25 5.73
N GLU A 163 -0.11 -1.49 4.44
CA GLU A 163 -1.33 -1.01 3.79
C GLU A 163 -2.11 -2.16 3.17
N VAL A 164 -3.44 -2.07 3.26
CA VAL A 164 -4.33 -2.97 2.52
C VAL A 164 -5.44 -2.21 1.88
N PHE A 165 -5.92 -2.71 0.76
CA PHE A 165 -7.20 -2.31 0.25
C PHE A 165 -8.20 -3.41 0.52
N LEU A 166 -9.44 -3.04 0.83
CA LEU A 166 -10.53 -3.99 0.98
C LEU A 166 -11.65 -3.62 0.03
N ASP A 167 -12.18 -4.61 -0.66
CA ASP A 167 -13.46 -4.39 -1.40
C ASP A 167 -14.60 -4.84 -0.49
N LEU A 168 -15.38 -3.90 0.01
CA LEU A 168 -16.47 -4.19 0.92
C LEU A 168 -17.81 -4.47 0.24
N GLY A 169 -17.79 -4.63 -1.08
CA GLY A 169 -18.97 -4.83 -1.90
C GLY A 169 -19.93 -5.91 -1.43
N ARG A 170 -19.42 -7.09 -1.15
CA ARG A 170 -20.32 -8.18 -0.70
C ARG A 170 -20.92 -7.90 0.68
N ILE A 171 -20.12 -7.33 1.57
CA ILE A 171 -20.58 -7.06 2.93
C ILE A 171 -21.68 -5.99 2.88
N CYS A 172 -21.46 -4.94 2.11
CA CYS A 172 -22.43 -3.84 1.95
C CYS A 172 -23.73 -4.29 1.28
N PHE A 173 -23.58 -5.03 0.18
CA PHE A 173 -24.74 -5.58 -0.52
C PHE A 173 -25.57 -6.46 0.40
N ASN A 174 -24.91 -7.39 1.08
CA ASN A 174 -25.60 -8.34 1.92
C ASN A 174 -26.30 -7.67 3.09
N MET A 175 -25.65 -6.66 3.66
CA MET A 175 -26.24 -5.93 4.74
C MET A 175 -27.46 -5.16 4.24
N LEU A 176 -27.33 -4.50 3.10
CA LEU A 176 -28.40 -3.74 2.50
C LEU A 176 -29.61 -4.59 2.24
N MET A 177 -29.41 -5.80 1.73
CA MET A 177 -30.50 -6.62 1.29
C MET A 177 -31.00 -7.60 2.35
N PHE A 178 -30.14 -8.09 3.23
CA PHE A 178 -30.49 -9.27 4.08
C PHE A 178 -30.40 -9.06 5.58
N ASP A 179 -29.78 -7.98 6.02
CA ASP A 179 -29.56 -7.82 7.46
C ASP A 179 -30.87 -7.39 8.11
N ASN A 180 -31.38 -8.26 8.96
CA ASN A 180 -32.67 -8.04 9.61
C ASN A 180 -32.54 -7.61 11.05
N GLU A 181 -31.32 -7.41 11.51
CA GLU A 181 -31.05 -7.03 12.90
C GLU A 181 -30.56 -5.57 13.06
N TYR A 182 -29.91 -5.03 12.05
CA TYR A 182 -29.30 -3.69 12.15
C TYR A 182 -30.34 -2.65 12.42
N GLU A 183 -30.11 -1.88 13.49
CA GLU A 183 -30.98 -0.82 13.94
C GLU A 183 -30.46 0.56 13.49
N LEU A 184 -31.34 1.33 12.87
CA LEU A 184 -31.02 2.70 12.53
C LEU A 184 -31.29 3.58 13.75
N THR A 185 -32.49 3.48 14.31
CA THR A 185 -32.80 4.15 15.57
C THR A 185 -33.45 3.15 16.51
N GLY A 186 -33.81 3.61 17.70
CA GLY A 186 -34.48 2.77 18.66
C GLY A 186 -35.85 2.36 18.19
N ASP A 187 -36.43 3.10 17.24
CA ASP A 187 -37.75 2.75 16.68
C ASP A 187 -37.69 2.24 15.24
N LEU A 188 -36.52 2.10 14.64
CA LEU A 188 -36.44 1.82 13.20
C LEU A 188 -35.29 0.90 12.82
N LYS A 189 -35.62 -0.27 12.28
CA LYS A 189 -34.61 -1.17 11.71
C LYS A 189 -34.33 -0.90 10.25
N LEU A 190 -33.13 -1.28 9.84
CA LEU A 190 -32.70 -1.18 8.47
C LEU A 190 -33.68 -1.90 7.54
N LYS A 191 -34.19 -3.05 7.98
CA LYS A 191 -35.12 -3.81 7.17
C LYS A 191 -36.42 -3.06 6.88
N ASP A 192 -36.87 -2.22 7.83
CA ASP A 192 -38.10 -1.50 7.61
C ASP A 192 -37.86 -0.24 6.76
N ALA A 193 -36.76 0.45 7.03
CA ALA A 193 -36.32 1.56 6.20
C ALA A 193 -36.23 1.19 4.72
N LEU A 194 -35.68 0.00 4.46
CA LEU A 194 -35.46 -0.45 3.09
C LEU A 194 -36.51 -1.45 2.58
N SER A 195 -37.74 -1.37 3.09
CA SER A 195 -38.77 -2.31 2.70
C SER A 195 -39.07 -2.28 1.19
N ASN A 196 -38.98 -1.12 0.54
CA ASN A 196 -39.31 -1.03 -0.89
C ASN A 196 -38.27 -1.74 -1.75
N ILE A 197 -36.99 -1.43 -1.54
CA ILE A 197 -35.95 -2.03 -2.36
C ILE A 197 -35.80 -3.52 -2.08
N ARG A 198 -36.03 -3.95 -0.84
CA ARG A 198 -35.97 -5.37 -0.50
C ARG A 198 -37.11 -6.15 -1.13
N GLU A 199 -38.31 -5.56 -1.09
CA GLU A 199 -39.45 -6.14 -1.75
C GLU A 199 -39.15 -6.34 -3.23
N ALA A 200 -38.57 -5.34 -3.87
CA ALA A 200 -38.26 -5.40 -5.31
C ALA A 200 -37.23 -6.47 -5.58
N PHE A 201 -36.21 -6.51 -4.74
CA PHE A 201 -35.14 -7.47 -4.92
C PHE A 201 -35.59 -8.93 -4.76
N ILE A 202 -36.25 -9.24 -3.65
CA ILE A 202 -36.80 -10.56 -3.42
C ILE A 202 -37.85 -10.92 -4.47
N GLY A 203 -38.71 -9.95 -4.79
CA GLY A 203 -39.76 -10.12 -5.78
C GLY A 203 -39.19 -10.49 -7.13
N GLY A 204 -38.01 -9.97 -7.37
CA GLY A 204 -37.20 -10.35 -8.48
C GLY A 204 -37.69 -9.85 -9.81
N ASN A 205 -38.46 -8.76 -9.80
N ASN A 205 -38.54 -8.84 -9.87
CA ASN A 205 -39.22 -8.34 -10.98
CA ASN A 205 -39.10 -8.47 -11.16
C ASN A 205 -38.57 -7.20 -11.76
C ASN A 205 -38.67 -7.04 -11.53
N TYR A 206 -37.38 -6.76 -11.33
CA TYR A 206 -36.71 -5.59 -11.85
C TYR A 206 -35.94 -5.94 -13.13
N ASP A 207 -35.65 -4.90 -13.89
CA ASP A 207 -34.84 -4.94 -15.09
C ASP A 207 -33.47 -4.42 -14.70
N ILE A 208 -32.44 -5.21 -15.02
CA ILE A 208 -31.11 -4.89 -14.58
C ILE A 208 -30.67 -3.53 -15.10
N ASN A 209 -31.18 -3.12 -16.26
CA ASN A 209 -30.77 -1.80 -16.79
C ASN A 209 -31.63 -0.61 -16.34
N SER A 210 -32.60 -0.84 -15.47
N SER A 210 -32.60 -0.86 -15.45
CA SER A 210 -33.46 0.25 -14.99
CA SER A 210 -33.45 0.22 -14.90
C SER A 210 -32.81 0.91 -13.76
C SER A 210 -32.73 0.92 -13.77
N HIS A 211 -33.06 2.20 -13.61
CA HIS A 211 -32.59 2.96 -12.46
C HIS A 211 -33.28 2.47 -11.21
N LEU A 212 -32.55 2.52 -10.11
CA LEU A 212 -33.12 2.28 -8.81
C LEU A 212 -34.16 3.35 -8.47
N PRO A 213 -35.11 3.04 -7.60
CA PRO A 213 -36.01 4.06 -7.08
C PRO A 213 -35.24 5.13 -6.29
N LEU A 214 -35.77 6.35 -6.19
CA LEU A 214 -35.16 7.33 -5.28
C LEU A 214 -35.11 6.70 -3.87
N ILE A 215 -34.08 7.03 -3.12
CA ILE A 215 -33.96 6.48 -1.76
C ILE A 215 -35.17 6.84 -0.90
N PRO A 216 -35.57 5.95 0.01
CA PRO A 216 -36.64 6.28 0.94
C PRO A 216 -36.17 7.30 1.97
N GLU A 217 -37.06 8.20 2.40
CA GLU A 217 -36.70 9.16 3.43
C GLU A 217 -36.17 8.50 4.67
N LYS A 218 -36.72 7.34 5.07
CA LYS A 218 -36.28 6.68 6.34
C LYS A 218 -34.82 6.24 6.34
N ILE A 219 -34.21 6.02 5.17
CA ILE A 219 -32.80 5.62 5.17
C ILE A 219 -31.85 6.77 5.53
N LYS A 220 -32.34 8.01 5.51
CA LYS A 220 -31.51 9.14 5.91
C LYS A 220 -31.16 9.15 7.43
N SER A 221 -31.80 8.27 8.20
CA SER A 221 -31.45 8.05 9.63
C SER A 221 -30.18 7.22 9.79
N LEU A 222 -29.74 6.58 8.72
CA LEU A 222 -28.54 5.77 8.76
C LEU A 222 -27.33 6.70 8.96
N LYS A 223 -26.43 6.30 9.86
CA LYS A 223 -25.26 7.13 10.22
C LYS A 223 -24.00 6.61 9.58
N PHE A 224 -23.15 7.55 9.16
CA PHE A 224 -21.76 7.25 8.85
C PHE A 224 -20.98 7.08 10.17
N GLU A 225 -20.05 6.13 10.20
CA GLU A 225 -19.12 5.97 11.28
C GLU A 225 -17.79 6.57 10.80
N GLY A 226 -17.34 7.61 11.49
CA GLY A 226 -16.05 8.24 11.22
C GLY A 226 -16.22 9.67 10.74
N ASP A 227 -15.16 10.22 10.15
CA ASP A 227 -15.14 11.63 9.77
C ASP A 227 -15.59 11.78 8.33
N VAL A 228 -16.71 12.41 8.10
CA VAL A 228 -17.19 12.57 6.74
C VAL A 228 -16.60 13.88 6.20
N PHE A 229 -15.82 13.78 5.12
CA PHE A 229 -15.18 14.98 4.58
C PHE A 229 -16.25 15.82 3.88
N ASN A 230 -16.53 17.01 4.41
CA ASN A 230 -17.74 17.74 4.01
C ASN A 230 -17.67 19.23 4.36
N PRO A 231 -16.65 19.93 3.82
CA PRO A 231 -16.54 21.36 4.13
C PRO A 231 -17.69 22.20 3.61
N GLU A 232 -18.41 21.77 2.57
CA GLU A 232 -19.51 22.57 2.05
C GLU A 232 -20.83 22.21 2.75
N GLY A 233 -20.80 21.27 3.69
CA GLY A 233 -22.00 20.97 4.47
C GLY A 233 -23.10 20.35 3.62
N ARG A 234 -22.70 19.51 2.68
CA ARG A 234 -23.69 18.86 1.80
C ARG A 234 -24.48 17.83 2.62
N ASP A 235 -25.69 17.54 2.14
N ASP A 235 -25.68 17.53 2.13
CA ASP A 235 -26.57 16.53 2.73
CA ASP A 235 -26.57 16.54 2.71
C ASP A 235 -25.88 15.18 2.76
C ASP A 235 -25.90 15.16 2.75
N LEU A 236 -25.95 14.50 3.90
CA LEU A 236 -25.16 13.26 4.08
C LEU A 236 -25.62 12.07 3.23
N ILE A 237 -26.91 11.81 3.20
CA ILE A 237 -27.47 10.67 2.47
C ILE A 237 -28.51 11.14 1.44
N THR A 238 -28.12 11.11 0.16
CA THR A 238 -28.98 11.63 -0.90
C THR A 238 -29.22 10.62 -2.02
N ASP A 239 -28.47 9.54 -2.05
CA ASP A 239 -28.69 8.48 -3.06
C ASP A 239 -28.07 7.21 -2.55
N TRP A 240 -28.18 6.14 -3.33
CA TRP A 240 -27.78 4.81 -2.90
C TRP A 240 -26.29 4.65 -2.67
N ASP A 241 -25.48 5.45 -3.34
CA ASP A 241 -24.03 5.39 -3.09
C ASP A 241 -23.72 5.76 -1.62
N ASP A 242 -24.40 6.79 -1.13
CA ASP A 242 -24.26 7.22 0.26
C ASP A 242 -24.70 6.14 1.25
N VAL A 243 -25.77 5.43 0.90
CA VAL A 243 -26.28 4.33 1.76
C VAL A 243 -25.21 3.25 1.86
N ILE A 244 -24.69 2.83 0.72
CA ILE A 244 -23.69 1.75 0.67
C ILE A 244 -22.44 2.19 1.44
N LEU A 245 -21.99 3.43 1.19
CA LEU A 245 -20.79 3.95 1.83
C LEU A 245 -20.93 4.02 3.36
N ALA A 246 -22.09 4.44 3.85
CA ALA A 246 -22.36 4.51 5.28
C ALA A 246 -22.35 3.10 5.92
N LEU A 247 -22.98 2.13 5.29
CA LEU A 247 -22.91 0.76 5.72
C LEU A 247 -21.47 0.28 5.72
N GLY A 248 -20.72 0.54 4.64
CA GLY A 248 -19.31 0.20 4.61
C GLY A 248 -18.50 0.84 5.74
N SER A 249 -18.82 2.08 6.12
CA SER A 249 -18.08 2.72 7.23
C SER A 249 -18.32 2.00 8.56
N GLN A 250 -19.54 1.51 8.75
CA GLN A 250 -19.88 0.74 9.94
C GLN A 250 -19.09 -0.57 9.98
N VAL A 251 -19.02 -1.26 8.85
CA VAL A 251 -18.29 -2.51 8.80
C VAL A 251 -16.78 -2.32 8.96
N CYS A 252 -16.24 -1.29 8.32
N CYS A 252 -16.27 -1.29 8.31
CA CYS A 252 -14.82 -1.00 8.37
CA CYS A 252 -14.87 -0.91 8.40
C CYS A 252 -14.34 -0.65 9.79
C CYS A 252 -14.37 -0.69 9.81
N LYS A 253 -15.17 0.04 10.57
CA LYS A 253 -14.82 0.38 11.95
C LYS A 253 -14.68 -0.90 12.74
N GLY A 254 -15.60 -1.83 12.50
CA GLY A 254 -15.57 -3.14 13.15
C GLY A 254 -14.31 -3.93 12.80
N ILE A 255 -13.92 -3.88 11.54
CA ILE A 255 -12.67 -4.55 11.11
C ILE A 255 -11.44 -3.92 11.77
N ARG A 256 -11.39 -2.58 11.77
CA ARG A 256 -10.32 -1.88 12.41
C ARG A 256 -10.25 -2.10 13.92
N ASP A 257 -11.42 -2.25 14.57
CA ASP A 257 -11.45 -2.60 15.97
C ASP A 257 -10.89 -4.00 16.20
N SER A 258 -11.11 -4.92 15.25
CA SER A 258 -10.52 -6.28 15.40
C SER A 258 -9.00 -6.23 15.35
N ILE A 259 -8.45 -5.47 14.40
CA ILE A 259 -7.02 -5.23 14.35
C ILE A 259 -6.51 -4.65 15.68
N LYS A 260 -7.15 -3.57 16.14
CA LYS A 260 -6.77 -2.98 17.42
C LYS A 260 -6.88 -3.93 18.63
N ASP A 261 -7.95 -4.70 18.74
CA ASP A 261 -8.15 -5.54 19.90
C ASP A 261 -7.26 -6.78 19.89
N ILE A 262 -7.05 -7.39 18.72
CA ILE A 262 -6.27 -8.60 18.61
C ILE A 262 -4.76 -8.32 18.58
N LEU A 263 -4.31 -7.36 17.79
CA LEU A 263 -2.87 -7.11 17.65
C LEU A 263 -2.37 -5.89 18.40
N GLY A 264 -3.26 -4.94 18.69
CA GLY A 264 -2.90 -3.73 19.41
C GLY A 264 -2.70 -2.52 18.54
N TYR A 265 -2.86 -2.63 17.22
CA TYR A 265 -2.43 -1.56 16.33
C TYR A 265 -3.58 -0.60 15.98
N THR A 266 -3.29 0.70 16.00
CA THR A 266 -4.22 1.68 15.51
C THR A 266 -3.96 1.86 14.02
N THR A 267 -5.03 2.19 13.32
CA THR A 267 -4.99 2.39 11.88
C THR A 267 -5.67 3.70 11.50
N SER A 268 -5.26 4.27 10.38
CA SER A 268 -6.09 5.23 9.66
C SER A 268 -6.64 4.61 8.40
N CYS A 269 -7.79 5.12 7.96
CA CYS A 269 -8.57 4.49 6.93
C CYS A 269 -9.26 5.52 6.06
N GLY A 270 -9.33 5.19 4.77
CA GLY A 270 -10.02 6.00 3.79
C GLY A 270 -11.11 5.16 3.13
N LEU A 271 -12.29 5.76 3.01
CA LEU A 271 -13.45 5.06 2.46
C LEU A 271 -14.02 5.90 1.34
N SER A 272 -14.18 5.28 0.19
CA SER A 272 -14.71 5.91 -1.00
C SER A 272 -15.04 4.87 -2.06
N SER A 273 -15.51 5.31 -3.22
CA SER A 273 -15.79 4.41 -4.34
C SER A 273 -14.57 4.00 -5.16
N THR A 274 -13.37 4.49 -4.82
CA THR A 274 -12.19 4.09 -5.60
C THR A 274 -10.92 3.96 -4.77
N LYS A 275 -10.02 3.08 -5.23
CA LYS A 275 -8.74 2.88 -4.55
C LYS A 275 -7.93 4.18 -4.45
N ASN A 276 -7.85 4.94 -5.54
N ASN A 276 -7.85 4.95 -5.52
CA ASN A 276 -6.99 6.13 -5.52
CA ASN A 276 -7.04 6.16 -5.49
C ASN A 276 -7.47 7.18 -4.51
C ASN A 276 -7.48 7.12 -4.41
N VAL A 277 -8.78 7.39 -4.38
CA VAL A 277 -9.31 8.31 -3.40
C VAL A 277 -9.17 7.75 -1.97
N CYS A 278 -9.39 6.46 -1.78
CA CYS A 278 -9.20 5.82 -0.49
C CYS A 278 -7.80 6.06 0.07
N LYS A 279 -6.79 5.92 -0.78
CA LYS A 279 -5.40 6.09 -0.38
C LYS A 279 -5.11 7.52 0.08
N LEU A 280 -5.62 8.50 -0.65
CA LEU A 280 -5.54 9.88 -0.19
C LEU A 280 -6.31 10.12 1.13
N ALA A 281 -7.50 9.58 1.24
CA ALA A 281 -8.33 9.78 2.41
C ALA A 281 -7.72 9.12 3.66
N SER A 282 -7.05 7.96 3.53
CA SER A 282 -6.44 7.31 4.72
C SER A 282 -5.31 8.11 5.34
N ASN A 283 -4.64 8.89 4.53
CA ASN A 283 -3.58 9.76 4.97
C ASN A 283 -4.05 11.16 5.42
N TYR A 284 -5.32 11.48 5.23
CA TYR A 284 -5.86 12.80 5.57
C TYR A 284 -5.86 13.11 7.08
N LYS A 285 -6.22 12.13 7.89
CA LYS A 285 -6.33 12.26 9.35
C LYS A 285 -5.74 11.06 10.05
N LYS A 286 -4.79 11.31 10.94
CA LYS A 286 -4.10 10.28 11.65
C LYS A 286 -3.77 10.83 13.04
N PRO A 287 -3.64 9.94 14.05
CA PRO A 287 -3.83 8.49 14.01
C PRO A 287 -5.29 8.11 14.27
N ASP A 288 -5.58 6.81 14.14
CA ASP A 288 -6.82 6.22 14.67
C ASP A 288 -8.08 6.96 14.17
N ALA A 289 -8.20 7.09 12.85
CA ALA A 289 -9.33 7.81 12.22
C ALA A 289 -9.71 7.17 10.90
N GLN A 290 -10.94 7.44 10.49
CA GLN A 290 -11.53 6.92 9.28
C GLN A 290 -12.12 8.16 8.56
N THR A 291 -11.58 8.49 7.39
CA THR A 291 -12.05 9.60 6.58
C THR A 291 -12.87 9.04 5.39
N ILE A 292 -14.11 9.52 5.28
CA ILE A 292 -15.06 9.04 4.30
C ILE A 292 -15.26 10.15 3.27
N VAL A 293 -15.08 9.80 2.02
CA VAL A 293 -15.26 10.72 0.90
C VAL A 293 -16.44 10.28 0.01
N LYS A 294 -17.56 10.95 0.21
CA LYS A 294 -18.78 10.76 -0.58
C LYS A 294 -18.51 11.11 -2.02
N ASN A 295 -19.22 10.46 -2.95
CA ASN A 295 -19.12 10.88 -4.37
C ASN A 295 -19.42 12.36 -4.59
N ASP A 296 -20.42 12.91 -3.92
CA ASP A 296 -20.73 14.34 -4.07
C ASP A 296 -19.70 15.28 -3.44
N CYS A 297 -18.76 14.71 -2.69
CA CYS A 297 -17.68 15.49 -2.07
C CYS A 297 -16.31 15.27 -2.73
N LEU A 298 -16.27 14.49 -3.81
CA LEU A 298 -14.99 14.15 -4.44
C LEU A 298 -14.23 15.39 -4.89
N LEU A 299 -14.91 16.35 -5.50
CA LEU A 299 -14.22 17.50 -6.03
C LEU A 299 -13.77 18.41 -4.87
N ASP A 300 -14.64 18.56 -3.87
CA ASP A 300 -14.28 19.30 -2.64
C ASP A 300 -12.97 18.73 -2.06
N PHE A 301 -12.88 17.40 -2.02
CA PHE A 301 -11.71 16.72 -1.45
C PHE A 301 -10.45 16.89 -2.29
N LEU A 302 -10.57 16.49 -3.56
CA LEU A 302 -9.45 16.63 -4.50
C LEU A 302 -8.92 18.05 -4.66
N ASP A 303 -9.79 19.05 -4.55
CA ASP A 303 -9.42 20.43 -4.69
C ASP A 303 -9.14 21.13 -3.34
N CYS A 304 -9.00 20.40 -2.25
CA CYS A 304 -8.82 21.07 -0.96
C CYS A 304 -7.49 21.83 -0.80
N GLY A 305 -6.53 21.54 -1.68
CA GLY A 305 -5.27 22.24 -1.74
C GLY A 305 -4.11 21.35 -1.30
N LYS A 306 -4.42 20.16 -0.78
CA LYS A 306 -3.37 19.21 -0.38
C LYS A 306 -2.79 18.42 -1.54
N PHE A 307 -3.54 18.32 -2.64
CA PHE A 307 -3.24 17.36 -3.68
C PHE A 307 -2.98 17.99 -5.05
N GLU A 308 -2.11 17.30 -5.79
CA GLU A 308 -1.81 17.62 -7.19
C GLU A 308 -1.95 16.33 -8.00
N ILE A 309 -1.85 16.43 -9.33
CA ILE A 309 -1.98 15.21 -10.14
C ILE A 309 -0.86 14.20 -9.77
N THR A 310 0.27 14.71 -9.36
CA THR A 310 1.40 13.89 -8.96
C THR A 310 1.14 13.18 -7.63
N SER A 311 0.04 13.50 -6.94
CA SER A 311 -0.28 12.84 -5.70
C SER A 311 -0.83 11.46 -5.97
N PHE A 312 -1.26 11.20 -7.22
CA PHE A 312 -1.89 9.91 -7.52
C PHE A 312 -0.86 8.82 -7.81
N TRP A 313 -1.18 7.59 -7.35
CA TRP A 313 -0.36 6.42 -7.59
C TRP A 313 -0.05 6.28 -9.09
N THR A 314 1.24 6.16 -9.40
CA THR A 314 1.83 6.02 -10.73
C THR A 314 2.30 7.35 -11.29
N LEU A 315 1.83 8.45 -10.71
CA LEU A 315 2.12 9.76 -11.24
C LEU A 315 3.09 10.53 -10.36
N GLY A 316 3.71 9.85 -9.40
CA GLY A 316 4.63 10.51 -8.49
C GLY A 316 6.06 10.69 -8.92
N GLY A 317 6.41 10.25 -10.13
CA GLY A 317 7.79 10.24 -10.58
C GLY A 317 7.90 10.91 -11.94
N VAL A 318 8.68 10.31 -12.84
CA VAL A 318 9.06 10.99 -14.07
C VAL A 318 7.92 11.12 -15.08
N LEU A 319 7.00 10.15 -15.13
CA LEU A 319 5.79 10.24 -15.97
C LEU A 319 4.91 11.40 -15.53
N GLY A 320 4.66 11.53 -14.23
CA GLY A 320 3.94 12.70 -13.70
C GLY A 320 4.60 14.01 -14.09
N LYS A 321 5.92 14.07 -14.00
CA LYS A 321 6.65 15.29 -14.38
C LYS A 321 6.55 15.55 -15.88
N GLU A 322 6.63 14.52 -16.70
CA GLU A 322 6.45 14.67 -18.15
C GLU A 322 5.04 15.19 -18.47
N LEU A 323 4.04 14.65 -17.78
CA LEU A 323 2.65 15.07 -18.01
C LEU A 323 2.47 16.54 -17.63
N ILE A 324 3.12 16.99 -16.57
CA ILE A 324 3.02 18.40 -16.21
C ILE A 324 3.52 19.28 -17.37
N ASP A 325 4.61 18.81 -17.96
N ASP A 325 4.63 18.88 -18.01
CA ASP A 325 5.23 19.41 -19.09
CA ASP A 325 5.20 19.60 -19.18
C ASP A 325 4.34 19.39 -20.35
C ASP A 325 4.31 19.42 -20.43
N VAL A 326 3.98 18.19 -20.78
CA VAL A 326 3.17 17.95 -21.99
C VAL A 326 1.77 18.61 -21.93
N LEU A 327 1.10 18.50 -20.78
CA LEU A 327 -0.22 19.10 -20.63
C LEU A 327 -0.24 20.57 -20.18
N ASP A 328 0.94 21.18 -20.05
N ASP A 328 0.94 21.15 -19.98
CA ASP A 328 1.10 22.57 -19.56
CA ASP A 328 1.07 22.54 -19.59
C ASP A 328 0.31 22.81 -18.28
C ASP A 328 0.30 22.81 -18.29
N LEU A 329 0.51 21.93 -17.31
CA LEU A 329 -0.21 22.03 -16.04
C LEU A 329 0.41 23.10 -15.15
N PRO A 330 -0.42 23.79 -14.35
CA PRO A 330 0.14 24.77 -13.44
C PRO A 330 0.77 24.06 -12.24
N HIS A 331 1.54 24.82 -11.48
CA HIS A 331 2.28 24.24 -10.35
C HIS A 331 1.35 23.92 -9.17
N GLU A 332 0.19 24.58 -9.12
CA GLU A 332 -0.80 24.28 -8.09
C GLU A 332 -2.20 24.19 -8.72
N ASN A 333 -3.07 23.41 -8.09
CA ASN A 333 -4.45 23.21 -8.53
C ASN A 333 -4.47 22.55 -9.91
N SER A 334 -3.52 21.64 -10.10
CA SER A 334 -3.40 20.88 -11.35
C SER A 334 -4.56 19.93 -11.56
N ILE A 335 -5.14 19.40 -10.47
CA ILE A 335 -6.24 18.48 -10.65
C ILE A 335 -7.45 19.21 -11.25
N LYS A 336 -7.85 20.31 -10.65
CA LYS A 336 -8.91 21.16 -11.17
C LYS A 336 -8.63 21.65 -12.60
N HIS A 337 -7.37 21.95 -12.88
CA HIS A 337 -6.97 22.39 -14.22
C HIS A 337 -7.29 21.32 -15.26
N ILE A 338 -6.90 20.09 -14.99
CA ILE A 338 -7.16 18.98 -15.89
C ILE A 338 -8.65 18.82 -16.13
N ARG A 339 -9.41 18.89 -15.03
CA ARG A 339 -10.86 18.74 -15.08
C ARG A 339 -11.53 19.82 -15.92
N GLU A 340 -11.11 21.08 -15.77
CA GLU A 340 -11.79 22.19 -16.42
C GLU A 340 -11.30 22.43 -17.82
N THR A 341 -10.06 22.03 -18.12
CA THR A 341 -9.50 22.24 -19.46
C THR A 341 -10.06 21.24 -20.47
N TRP A 342 -10.38 20.02 -20.01
CA TRP A 342 -11.02 18.96 -20.83
C TRP A 342 -12.27 18.55 -20.08
N PRO A 343 -13.30 19.43 -20.10
CA PRO A 343 -14.42 19.31 -19.18
C PRO A 343 -15.49 18.26 -19.51
N ASP A 344 -15.60 17.84 -20.77
CA ASP A 344 -16.75 17.10 -21.20
C ASP A 344 -16.49 15.61 -21.31
N ASN A 345 -15.36 15.24 -21.92
CA ASN A 345 -15.04 13.83 -22.08
C ASN A 345 -13.56 13.61 -22.30
N ALA A 346 -13.15 12.37 -22.09
CA ALA A 346 -11.74 12.03 -22.19
C ALA A 346 -11.15 12.15 -23.61
N GLY A 347 -12.00 12.06 -24.62
CA GLY A 347 -11.62 12.28 -26.04
C GLY A 347 -11.01 13.66 -26.28
N GLN A 348 -11.42 14.65 -25.49
CA GLN A 348 -10.89 16.00 -25.61
C GLN A 348 -9.40 15.95 -25.24
N LEU A 349 -9.11 15.33 -24.12
CA LEU A 349 -7.75 15.11 -23.69
C LEU A 349 -6.95 14.17 -24.61
N LYS A 350 -7.57 13.10 -25.10
CA LYS A 350 -6.89 12.22 -26.03
C LYS A 350 -6.43 12.99 -27.28
N GLU A 351 -7.28 13.87 -27.81
CA GLU A 351 -6.95 14.61 -29.03
C GLU A 351 -5.76 15.50 -28.77
N PHE A 352 -5.75 16.12 -27.61
CA PHE A 352 -4.65 16.99 -27.18
C PHE A 352 -3.34 16.17 -27.06
N LEU A 353 -3.41 15.02 -26.41
CA LEU A 353 -2.24 14.14 -26.30
C LEU A 353 -1.74 13.65 -27.62
N ASP A 354 -2.61 13.19 -28.51
CA ASP A 354 -2.19 12.67 -29.80
C ASP A 354 -1.41 13.70 -30.62
N ALA A 355 -1.80 14.97 -30.54
CA ALA A 355 -1.12 16.03 -31.26
C ALA A 355 0.29 16.21 -30.67
N LYS A 356 0.39 16.24 -29.35
CA LYS A 356 1.71 16.44 -28.72
C LYS A 356 2.67 15.31 -29.12
N VAL A 357 2.16 14.09 -29.08
CA VAL A 357 2.89 12.89 -29.37
C VAL A 357 3.23 12.67 -30.83
N LYS A 358 2.36 13.10 -31.75
CA LYS A 358 2.60 12.84 -33.16
C LYS A 358 3.65 13.78 -33.74
N GLN A 359 4.08 14.76 -32.95
CA GLN A 359 5.09 15.71 -33.42
C GLN A 359 6.44 15.04 -33.62
N SER A 360 6.98 15.19 -34.83
CA SER A 360 8.30 14.68 -35.22
C SER A 360 9.38 14.88 -34.17
N ASP A 361 9.25 15.96 -33.40
N ASP A 361 9.32 15.96 -33.40
CA ASP A 361 10.23 16.38 -32.39
CA ASP A 361 10.36 16.21 -32.41
C ASP A 361 9.97 15.82 -31.00
C ASP A 361 9.87 15.95 -30.98
N TYR A 362 8.90 15.04 -30.84
CA TYR A 362 8.61 14.36 -29.57
C TYR A 362 9.52 13.13 -29.60
N ASP A 363 10.31 12.96 -28.55
N ASP A 363 10.30 12.95 -28.54
CA ASP A 363 11.28 11.86 -28.46
CA ASP A 363 11.27 11.85 -28.48
C ASP A 363 10.67 10.63 -27.78
C ASP A 363 10.66 10.64 -27.78
N ARG A 364 10.24 9.66 -28.58
CA ARG A 364 9.57 8.46 -28.07
C ARG A 364 10.49 7.57 -27.24
N SER A 365 11.79 7.59 -27.54
CA SER A 365 12.75 6.75 -26.80
C SER A 365 12.98 7.19 -25.35
N THR A 366 12.73 8.46 -25.03
CA THR A 366 12.91 9.00 -23.67
C THR A 366 11.61 9.32 -22.94
N SER A 367 10.49 9.28 -23.65
CA SER A 367 9.17 9.56 -23.08
C SER A 367 8.66 8.34 -22.34
N ASN A 368 7.87 8.56 -21.31
CA ASN A 368 7.17 7.45 -20.66
C ASN A 368 5.72 7.35 -21.06
N ILE A 369 5.32 8.11 -22.08
CA ILE A 369 3.95 8.03 -22.59
C ILE A 369 3.94 7.08 -23.76
N ASP A 370 3.01 6.12 -23.78
CA ASP A 370 2.91 5.18 -24.92
C ASP A 370 1.99 5.82 -25.96
N PRO A 371 2.53 6.16 -27.14
CA PRO A 371 1.69 6.81 -28.14
C PRO A 371 0.59 5.91 -28.69
N LEU A 372 0.69 4.60 -28.48
CA LEU A 372 -0.37 3.70 -28.87
C LEU A 372 -1.45 3.58 -27.81
N LYS A 373 -1.22 4.11 -26.63
CA LYS A 373 -2.16 3.93 -25.54
C LYS A 373 -2.64 5.26 -24.97
N THR A 374 -2.80 6.26 -25.84
CA THR A 374 -3.24 7.56 -25.38
C THR A 374 -4.71 7.58 -24.96
N ALA A 375 -5.55 6.71 -25.52
CA ALA A 375 -6.94 6.57 -25.06
C ALA A 375 -6.99 6.16 -23.60
N ASP A 376 -6.18 5.17 -23.20
CA ASP A 376 -6.12 4.76 -21.81
C ASP A 376 -5.60 5.86 -20.90
N LEU A 377 -4.54 6.55 -21.33
CA LEU A 377 -3.98 7.63 -20.51
C LEU A 377 -4.99 8.78 -20.29
N ALA A 378 -5.65 9.18 -21.38
CA ALA A 378 -6.64 10.25 -21.34
C ALA A 378 -7.81 9.92 -20.38
N GLU A 379 -8.31 8.69 -20.46
CA GLU A 379 -9.41 8.26 -19.60
C GLU A 379 -8.95 8.23 -18.15
N LYS A 380 -7.73 7.74 -17.93
CA LYS A 380 -7.18 7.64 -16.60
C LYS A 380 -7.06 9.05 -15.97
N LEU A 381 -6.50 9.99 -16.69
CA LEU A 381 -6.36 11.35 -16.18
C LEU A 381 -7.72 12.03 -16.02
N PHE A 382 -8.62 11.81 -16.98
CA PHE A 382 -9.95 12.40 -16.94
C PHE A 382 -10.70 11.92 -15.67
N LYS A 383 -10.68 10.62 -15.44
CA LYS A 383 -11.39 10.05 -14.33
C LYS A 383 -10.70 10.31 -12.99
N LEU A 384 -9.36 10.25 -12.96
CA LEU A 384 -8.63 10.55 -11.72
C LEU A 384 -8.93 11.97 -11.23
N SER A 385 -9.00 12.92 -12.17
CA SER A 385 -9.25 14.31 -11.81
C SER A 385 -10.66 14.52 -11.25
N ARG A 386 -11.52 13.52 -11.39
CA ARG A 386 -12.87 13.59 -10.89
C ARG A 386 -13.12 12.61 -9.72
N GLY A 387 -12.10 11.85 -9.33
CA GLY A 387 -12.23 10.88 -8.29
C GLY A 387 -13.01 9.63 -8.66
N ARG A 388 -13.03 9.29 -9.94
CA ARG A 388 -13.86 8.23 -10.44
C ARG A 388 -13.06 7.16 -11.23
N TYR A 389 -11.77 7.10 -11.00
CA TYR A 389 -10.94 6.09 -11.68
C TYR A 389 -10.84 4.83 -10.80
N GLY A 390 -11.60 3.81 -11.16
CA GLY A 390 -11.68 2.56 -10.43
C GLY A 390 -10.75 1.49 -10.95
N LEU A 391 -9.79 1.10 -10.13
CA LEU A 391 -8.87 0.05 -10.42
C LEU A 391 -9.29 -1.18 -9.63
N PRO A 392 -9.10 -2.39 -10.21
CA PRO A 392 -9.40 -3.57 -9.43
C PRO A 392 -8.40 -3.79 -8.29
N LEU A 393 -8.82 -4.58 -7.31
CA LEU A 393 -7.95 -5.07 -6.25
C LEU A 393 -7.36 -6.38 -6.74
N SER A 394 -6.06 -6.63 -6.49
CA SER A 394 -5.45 -7.99 -6.75
C SER A 394 -5.16 -8.68 -5.47
N SER A 395 -5.59 -9.94 -5.28
CA SER A 395 -5.13 -10.69 -4.12
C SER A 395 -3.80 -11.30 -4.53
N ARG A 396 -2.78 -11.05 -3.73
CA ARG A 396 -1.41 -11.37 -4.12
C ARG A 396 -1.11 -12.79 -3.67
N PRO A 397 -0.12 -13.43 -4.30
CA PRO A 397 0.31 -14.73 -3.81
C PRO A 397 0.98 -14.61 -2.45
N VAL A 398 1.32 -15.73 -1.84
CA VAL A 398 1.99 -15.72 -0.53
C VAL A 398 3.25 -14.86 -0.59
N VAL A 399 4.00 -14.97 -1.68
CA VAL A 399 5.19 -14.16 -1.89
C VAL A 399 5.42 -14.06 -3.38
N LYS A 400 6.02 -12.96 -3.81
CA LYS A 400 6.39 -12.78 -5.21
C LYS A 400 7.93 -12.65 -5.37
N SER A 401 8.54 -11.83 -4.52
CA SER A 401 9.99 -11.66 -4.51
C SER A 401 10.46 -11.48 -3.10
N MET A 402 11.74 -11.76 -2.89
CA MET A 402 12.33 -11.65 -1.58
C MET A 402 13.79 -11.17 -1.71
N MET A 403 14.09 -10.06 -1.05
CA MET A 403 15.38 -9.37 -1.15
C MET A 403 16.10 -9.33 0.22
N SER A 404 17.42 -9.51 0.16
CA SER A 404 18.30 -9.28 1.29
C SER A 404 19.40 -8.32 0.84
N ASN A 405 19.52 -7.17 1.52
CA ASN A 405 20.32 -6.04 1.04
C ASN A 405 21.26 -5.49 2.11
N LYS A 406 22.48 -5.17 1.71
CA LYS A 406 23.38 -4.45 2.58
C LYS A 406 24.11 -3.34 1.81
N ASN A 407 23.76 -2.09 2.07
CA ASN A 407 24.57 -0.93 1.68
C ASN A 407 25.81 -0.93 2.58
N LEU A 408 26.98 -0.77 1.98
CA LEU A 408 28.25 -1.03 2.65
C LEU A 408 29.03 0.26 2.87
N ARG A 409 29.59 0.41 4.07
CA ARG A 409 30.39 1.59 4.41
C ARG A 409 31.88 1.22 4.56
N GLY A 410 32.76 2.17 4.28
CA GLY A 410 34.20 1.94 4.41
C GLY A 410 34.70 0.79 3.54
N LYS A 411 35.51 -0.09 4.13
CA LYS A 411 36.06 -1.26 3.42
C LYS A 411 35.42 -2.56 3.91
N SER A 412 34.18 -2.49 4.39
CA SER A 412 33.52 -3.69 4.93
C SER A 412 33.20 -4.74 3.86
N CYS A 413 33.34 -4.38 2.57
CA CYS A 413 33.33 -5.34 1.46
C CYS A 413 34.43 -5.03 0.43
N ASN A 414 35.64 -5.47 0.75
CA ASN A 414 36.86 -5.06 0.04
C ASN A 414 37.47 -6.15 -0.83
N SER A 415 36.80 -7.29 -0.93
CA SER A 415 37.27 -8.41 -1.73
C SER A 415 36.14 -9.39 -1.93
N ILE A 416 36.37 -10.37 -2.79
CA ILE A 416 35.44 -11.45 -3.01
C ILE A 416 35.18 -12.23 -1.72
N VAL A 417 36.19 -12.33 -0.85
CA VAL A 417 36.03 -13.00 0.45
C VAL A 417 34.92 -12.29 1.24
N ASP A 418 34.94 -10.96 1.22
CA ASP A 418 33.95 -10.20 1.96
C ASP A 418 32.57 -10.37 1.32
N CYS A 419 32.49 -10.35 -0.01
CA CYS A 419 31.21 -10.53 -0.67
C CYS A 419 30.54 -11.81 -0.24
N ILE A 420 31.31 -12.89 -0.21
CA ILE A 420 30.74 -14.20 0.08
C ILE A 420 30.30 -14.29 1.54
N SER A 421 31.02 -13.59 2.41
N SER A 421 31.01 -13.60 2.42
CA SER A 421 30.67 -13.51 3.83
CA SER A 421 30.63 -13.55 3.84
C SER A 421 29.27 -12.89 3.98
C SER A 421 29.25 -12.91 3.97
N TRP A 422 29.02 -11.82 3.25
CA TRP A 422 27.70 -11.18 3.27
C TRP A 422 26.64 -12.05 2.59
N LEU A 423 26.99 -12.71 1.48
CA LEU A 423 26.06 -13.63 0.83
C LEU A 423 25.65 -14.74 1.78
N GLU A 424 26.56 -15.19 2.64
CA GLU A 424 26.18 -16.22 3.60
C GLU A 424 25.08 -15.75 4.53
N VAL A 425 25.14 -14.50 4.96
CA VAL A 425 24.04 -13.91 5.77
C VAL A 425 22.74 -13.87 4.95
N PHE A 426 22.82 -13.38 3.71
CA PHE A 426 21.64 -13.25 2.86
C PHE A 426 20.96 -14.59 2.67
N CYS A 427 21.76 -15.65 2.45
CA CYS A 427 21.22 -16.97 2.19
C CYS A 427 20.55 -17.56 3.45
N ALA A 428 21.16 -17.34 4.62
CA ALA A 428 20.57 -17.73 5.89
C ALA A 428 19.23 -17.02 6.11
N GLU A 429 19.21 -15.71 5.86
CA GLU A 429 18.00 -14.91 6.06
C GLU A 429 16.87 -15.34 5.14
N LEU A 430 17.16 -15.41 3.84
CA LEU A 430 16.16 -15.82 2.85
C LEU A 430 15.61 -17.22 3.13
N THR A 431 16.48 -18.19 3.46
CA THR A 431 16.02 -19.54 3.75
C THR A 431 15.09 -19.61 4.96
N SER A 432 15.42 -18.83 5.98
N SER A 432 15.40 -18.83 5.99
CA SER A 432 14.59 -18.71 7.17
CA SER A 432 14.54 -18.76 7.16
C SER A 432 13.21 -18.11 6.85
C SER A 432 13.19 -18.12 6.85
N ARG A 433 13.18 -17.12 5.98
CA ARG A 433 11.93 -16.46 5.58
C ARG A 433 11.07 -17.47 4.78
N ILE A 434 11.70 -18.22 3.92
CA ILE A 434 10.99 -19.22 3.12
C ILE A 434 10.39 -20.30 4.03
N GLN A 435 11.16 -20.79 4.99
CA GLN A 435 10.69 -21.81 5.91
C GLN A 435 9.49 -21.31 6.73
N ASP A 436 9.53 -20.06 7.18
CA ASP A 436 8.42 -19.46 7.92
C ASP A 436 7.13 -19.41 7.08
N LEU A 437 7.24 -19.07 5.79
CA LEU A 437 6.08 -19.00 4.91
C LEU A 437 5.48 -20.38 4.65
N GLU A 438 6.36 -21.37 4.42
CA GLU A 438 5.94 -22.77 4.29
C GLU A 438 5.10 -23.26 5.48
N GLN A 439 5.56 -22.99 6.70
CA GLN A 439 4.86 -23.37 7.91
C GLN A 439 3.57 -22.59 8.10
N GLU A 440 3.62 -21.29 7.81
CA GLU A 440 2.50 -20.43 8.12
C GLU A 440 1.36 -20.66 7.14
N TYR A 441 1.67 -20.88 5.87
CA TYR A 441 0.62 -21.01 4.86
C TYR A 441 0.43 -22.42 4.32
N ASN A 442 1.20 -23.38 4.82
CA ASN A 442 1.11 -24.79 4.38
C ASN A 442 1.34 -24.94 2.87
N LYS A 443 2.50 -24.46 2.43
CA LYS A 443 2.88 -24.45 1.02
C LYS A 443 4.29 -24.99 0.87
N ILE A 444 4.65 -25.33 -0.36
CA ILE A 444 6.07 -25.50 -0.72
C ILE A 444 6.42 -24.24 -1.49
N VAL A 445 7.45 -23.55 -1.05
CA VAL A 445 7.83 -22.28 -1.62
C VAL A 445 9.23 -22.46 -2.21
N ILE A 446 9.31 -22.43 -3.54
CA ILE A 446 10.47 -22.85 -4.30
C ILE A 446 11.05 -21.66 -5.08
N PRO A 447 12.24 -21.18 -4.68
CA PRO A 447 12.92 -20.18 -5.49
C PRO A 447 13.31 -20.75 -6.86
N ARG A 448 13.11 -19.98 -7.91
CA ARG A 448 13.43 -20.37 -9.28
C ARG A 448 14.50 -19.50 -9.91
N THR A 449 14.51 -18.22 -9.56
CA THR A 449 15.44 -17.25 -10.13
C THR A 449 16.00 -16.35 -9.05
N VAL A 450 17.29 -16.07 -9.15
CA VAL A 450 18.00 -15.23 -8.23
C VAL A 450 18.69 -14.11 -9.00
N SER A 451 18.77 -12.94 -8.40
CA SER A 451 19.50 -11.80 -8.97
C SER A 451 20.47 -11.24 -7.91
N ILE A 452 21.74 -11.11 -8.29
CA ILE A 452 22.70 -10.38 -7.49
C ILE A 452 22.81 -9.01 -8.11
N SER A 453 22.73 -7.99 -7.26
CA SER A 453 22.94 -6.62 -7.70
C SER A 453 23.96 -5.98 -6.77
N LEU A 454 24.92 -5.25 -7.32
CA LEU A 454 25.92 -4.60 -6.48
C LEU A 454 26.30 -3.25 -7.04
N LYS A 455 26.90 -2.43 -6.18
CA LYS A 455 27.46 -1.16 -6.57
C LYS A 455 28.91 -1.07 -6.13
N THR A 456 29.73 -0.58 -7.04
CA THR A 456 31.16 -0.41 -6.82
C THR A 456 31.43 0.82 -5.96
N LYS A 457 32.70 1.06 -5.67
CA LYS A 457 33.14 2.27 -4.95
C LYS A 457 32.76 3.55 -5.68
N SER A 458 32.60 3.47 -7.00
CA SER A 458 32.22 4.64 -7.82
C SER A 458 30.71 4.64 -8.09
N TYR A 459 29.97 3.81 -7.36
CA TYR A 459 28.51 3.69 -7.48
C TYR A 459 28.01 3.14 -8.83
N GLU A 460 28.89 2.50 -9.60
CA GLU A 460 28.48 1.81 -10.83
C GLU A 460 27.73 0.50 -10.47
N VAL A 461 26.56 0.27 -11.07
CA VAL A 461 25.75 -0.93 -10.80
C VAL A 461 26.19 -2.11 -11.67
N TYR A 462 26.36 -3.28 -11.05
CA TYR A 462 26.62 -4.55 -11.74
C TYR A 462 25.55 -5.52 -11.29
N ARG A 463 24.92 -6.24 -12.22
CA ARG A 463 23.89 -7.19 -11.84
C ARG A 463 23.96 -8.44 -12.70
N LYS A 464 23.47 -9.53 -12.15
CA LYS A 464 23.38 -10.78 -12.85
C LYS A 464 22.22 -11.56 -12.27
N SER A 465 21.39 -12.16 -13.11
CA SER A 465 20.36 -13.07 -12.64
C SER A 465 20.37 -14.35 -13.44
N GLY A 466 19.80 -15.40 -12.84
CA GLY A 466 19.63 -16.68 -13.52
C GLY A 466 18.97 -17.70 -12.62
N PRO A 467 18.81 -18.93 -13.12
CA PRO A 467 18.12 -19.94 -12.35
C PRO A 467 18.85 -20.39 -11.08
N VAL A 468 18.08 -20.77 -10.07
CA VAL A 468 18.61 -21.49 -8.90
C VAL A 468 17.95 -22.90 -8.93
N ALA A 469 18.72 -23.93 -8.62
CA ALA A 469 18.21 -25.30 -8.53
C ALA A 469 17.43 -25.49 -7.23
N TYR A 470 16.56 -26.50 -7.21
CA TYR A 470 15.79 -26.82 -6.01
C TYR A 470 16.06 -28.24 -5.52
N LYS A 471 16.37 -28.37 -4.23
CA LYS A 471 16.63 -29.68 -3.61
C LYS A 471 15.92 -29.86 -2.26
N GLY A 472 14.89 -29.08 -2.01
CA GLY A 472 14.24 -29.09 -0.72
C GLY A 472 14.74 -28.02 0.22
N ILE A 473 13.95 -27.78 1.26
CA ILE A 473 14.24 -26.73 2.23
C ILE A 473 15.58 -26.94 2.97
N ASN A 474 15.96 -28.19 3.21
CA ASN A 474 17.19 -28.49 3.95
C ASN A 474 18.47 -28.21 3.17
N PHE A 475 18.35 -27.96 1.86
CA PHE A 475 19.49 -27.65 1.00
C PHE A 475 19.32 -26.29 0.34
N GLN A 476 18.30 -25.54 0.76
CA GLN A 476 17.93 -24.33 0.06
C GLN A 476 18.99 -23.22 0.17
N SER A 477 19.54 -23.05 1.36
CA SER A 477 20.54 -22.03 1.61
C SER A 477 21.80 -22.29 0.74
N HIS A 478 22.22 -23.54 0.74
CA HIS A 478 23.34 -24.01 -0.10
C HIS A 478 23.11 -23.73 -1.60
N GLU A 479 21.91 -24.07 -2.09
CA GLU A 479 21.55 -23.82 -3.50
C GLU A 479 21.55 -22.34 -3.85
N LEU A 480 21.11 -21.50 -2.93
CA LEU A 480 21.16 -20.05 -3.13
C LEU A 480 22.61 -19.53 -3.11
N LEU A 481 23.43 -20.04 -2.21
CA LEU A 481 24.83 -19.60 -2.11
C LEU A 481 25.65 -20.00 -3.32
N LYS A 482 25.42 -21.20 -3.85
CA LYS A 482 26.08 -21.66 -5.08
C LYS A 482 25.92 -20.63 -6.19
N VAL A 483 24.69 -20.19 -6.41
CA VAL A 483 24.42 -19.20 -7.46
C VAL A 483 25.01 -17.85 -7.11
N GLY A 484 24.83 -17.42 -5.87
CA GLY A 484 25.42 -16.14 -5.41
C GLY A 484 26.93 -16.08 -5.69
N ILE A 485 27.64 -17.14 -5.32
CA ILE A 485 29.11 -17.16 -5.44
C ILE A 485 29.45 -17.09 -6.92
N LYS A 486 28.70 -17.84 -7.72
CA LYS A 486 28.90 -17.87 -9.15
C LYS A 486 28.78 -16.46 -9.70
N PHE A 487 27.70 -15.78 -9.35
CA PHE A 487 27.40 -14.46 -9.87
C PHE A 487 28.40 -13.41 -9.36
N VAL A 488 28.76 -13.44 -8.07
CA VAL A 488 29.70 -12.42 -7.58
C VAL A 488 31.07 -12.58 -8.20
N THR A 489 31.49 -13.80 -8.48
CA THR A 489 32.79 -14.01 -9.10
C THR A 489 32.74 -13.60 -10.59
N ASP A 490 31.63 -13.89 -11.26
N ASP A 490 31.62 -13.88 -11.25
CA ASP A 490 31.41 -13.44 -12.65
CA ASP A 490 31.34 -13.44 -12.63
C ASP A 490 31.51 -11.92 -12.75
C ASP A 490 31.47 -11.92 -12.76
N LEU A 491 30.87 -11.22 -11.81
CA LEU A 491 30.84 -9.75 -11.83
C LEU A 491 32.23 -9.16 -11.49
N ASP A 492 32.94 -9.82 -10.57
CA ASP A 492 34.32 -9.45 -10.25
C ASP A 492 35.19 -9.46 -11.52
N ILE A 493 35.04 -10.49 -12.35
CA ILE A 493 35.72 -10.51 -13.64
C ILE A 493 35.27 -9.33 -14.54
N LYS A 494 33.96 -9.10 -14.63
CA LYS A 494 33.45 -7.99 -15.45
C LYS A 494 33.99 -6.63 -14.94
N GLY A 495 34.32 -6.54 -13.66
CA GLY A 495 34.89 -5.31 -13.08
C GLY A 495 36.40 -5.14 -13.19
N LYS A 496 37.08 -6.13 -13.79
CA LYS A 496 38.56 -6.12 -13.94
C LYS A 496 39.04 -4.81 -14.57
N ASN A 497 40.09 -4.22 -14.00
CA ASN A 497 40.66 -2.94 -14.48
C ASN A 497 39.71 -1.75 -14.39
N LYS A 498 38.67 -1.85 -13.56
CA LYS A 498 37.70 -0.78 -13.39
C LYS A 498 37.58 -0.47 -11.91
N SER A 499 37.02 0.69 -11.61
CA SER A 499 36.72 1.05 -10.25
C SER A 499 35.71 0.04 -9.70
N TYR A 500 36.11 -0.71 -8.67
CA TYR A 500 35.29 -1.83 -8.17
C TYR A 500 35.30 -1.90 -6.65
N TYR A 501 36.25 -2.62 -6.03
CA TYR A 501 36.29 -2.65 -4.56
C TYR A 501 36.80 -1.33 -3.98
N PRO A 502 36.39 -0.97 -2.76
CA PRO A 502 35.38 -1.67 -1.98
C PRO A 502 33.97 -1.37 -2.46
N LEU A 503 33.07 -2.34 -2.35
CA LEU A 503 31.68 -2.14 -2.80
C LEU A 503 30.94 -1.17 -1.89
N THR A 504 29.93 -0.50 -2.45
CA THR A 504 29.03 0.33 -1.66
C THR A 504 27.66 -0.31 -1.45
N LYS A 505 27.39 -1.44 -2.13
CA LYS A 505 26.14 -2.18 -1.96
C LYS A 505 26.25 -3.56 -2.57
N LEU A 506 25.58 -4.50 -1.91
CA LEU A 506 25.45 -5.86 -2.35
C LEU A 506 24.08 -6.33 -1.92
N SER A 507 23.34 -6.99 -2.82
CA SER A 507 22.03 -7.54 -2.52
C SER A 507 21.77 -8.81 -3.30
N MET A 508 21.01 -9.72 -2.70
CA MET A 508 20.49 -10.90 -3.38
C MET A 508 18.96 -10.90 -3.33
N THR A 509 18.34 -11.14 -4.47
CA THR A 509 16.87 -11.15 -4.56
C THR A 509 16.42 -12.43 -5.27
N ILE A 510 15.51 -13.16 -4.65
CA ILE A 510 14.80 -14.24 -5.31
C ILE A 510 13.64 -13.57 -6.02
N THR A 511 13.71 -13.52 -7.34
CA THR A 511 12.77 -12.70 -8.12
C THR A 511 11.60 -13.48 -8.67
N ASN A 512 11.68 -14.81 -8.63
N ASN A 512 11.69 -14.82 -8.70
CA ASN A 512 10.62 -15.70 -9.13
CA ASN A 512 10.57 -15.68 -9.08
C ASN A 512 10.54 -16.93 -8.24
C ASN A 512 10.54 -16.88 -8.17
N PHE A 513 9.33 -17.25 -7.74
CA PHE A 513 9.09 -18.43 -6.90
C PHE A 513 8.06 -19.33 -7.55
N ASP A 514 8.15 -20.64 -7.34
CA ASP A 514 6.98 -21.50 -7.52
C ASP A 514 6.32 -21.75 -6.16
N ILE A 515 4.98 -21.72 -6.13
CA ILE A 515 4.25 -21.93 -4.89
C ILE A 515 3.31 -23.14 -5.07
N ILE A 516 3.52 -24.17 -4.25
CA ILE A 516 2.74 -25.41 -4.34
C ILE A 516 1.80 -25.49 -3.15
N ASP A 517 0.51 -25.66 -3.44
CA ASP A 517 -0.48 -25.85 -2.42
C ASP A 517 -0.45 -27.27 -1.88
N LEU A 518 -0.69 -27.40 -0.59
CA LEU A 518 -0.75 -28.69 0.08
C LEU A 518 -2.15 -28.85 0.64
N GLN A 519 -2.66 -30.07 0.66
CA GLN A 519 -4.08 -30.33 0.94
C GLN A 519 -4.47 -29.98 2.39
#